data_9QYE
#
_entry.id   9QYE
#
_cell.length_a   77.139
_cell.length_b   77.139
_cell.length_c   124.048
_cell.angle_alpha   90.00
_cell.angle_beta   90.00
_cell.angle_gamma   120.00
#
_symmetry.space_group_name_H-M   'H 3'
#
loop_
_entity.id
_entity.type
_entity.pdbx_description
1 polymer 'Protein mono-ADP-ribosyltransferase PARP9'
2 non-polymer '[(2R,3S,4R,5R)-5-(6-AMINOPURIN-9-YL)-3,4-DIHYDROXY-OXOLAN-2-YL]METHYL[HYDROXY-[[(2R,3S,4R,5S)-3,4,5-TRIHYDROXYOXOLAN-2-YL]METHOXY]PHOSPHORYL] HYDROGEN PHOSPHATE'
3 water water
#
_entity_poly.entity_id   1
_entity_poly.type   'polypeptide(L)'
_entity_poly.pdbx_seq_one_letter_code
;GAMGGNSKSLQVFRKMLTPRIELSVWKDDLTTHAVDAVVNAANEDLLHGGGLALALVKAGGFEIQEESKQFVARYGKVSA
GEIAVTGAGRLPCKQIIHAVGPRWMEWDKQGCTGKLQRAIVSILNYVIYKNTHIKTVAIPALSSGIFQFPLNLCTKTIVE
TIRVSLQGKPMMSNLKEIHLVSNEDPTVAAFKAASEFILGKSE
;
_entity_poly.pdbx_strand_id   A
#
# COMPACT_ATOMS: atom_id res chain seq x y z
N SER A 9 13.55 -11.46 -6.39
CA SER A 9 12.59 -11.14 -5.30
C SER A 9 12.92 -12.03 -4.11
N LEU A 10 12.71 -11.52 -2.89
CA LEU A 10 13.12 -12.26 -1.70
C LEU A 10 12.12 -11.97 -0.59
N GLN A 11 11.56 -13.04 -0.03
CA GLN A 11 10.66 -12.91 1.10
C GLN A 11 11.45 -13.05 2.39
N VAL A 12 11.33 -12.09 3.32
CA VAL A 12 12.14 -12.02 4.53
C VAL A 12 11.36 -12.31 5.80
N PHE A 13 10.03 -12.39 5.69
CA PHE A 13 9.15 -12.57 6.84
C PHE A 13 7.81 -13.05 6.33
N ARG A 14 7.23 -14.03 7.05
CA ARG A 14 5.83 -14.38 6.79
C ARG A 14 5.17 -14.83 8.07
N LYS A 15 3.86 -14.57 8.17
CA LYS A 15 3.11 -15.01 9.34
C LYS A 15 1.61 -14.97 9.03
N MET A 16 0.87 -15.96 9.54
CA MET A 16 -0.57 -15.90 9.42
C MET A 16 -1.09 -14.83 10.37
N LEU A 17 -1.78 -13.84 9.78
CA LEU A 17 -2.44 -12.80 10.55
C LEU A 17 -3.77 -13.27 11.12
N THR A 18 -4.47 -14.07 10.31
CA THR A 18 -5.72 -14.71 10.65
C THR A 18 -5.61 -16.12 10.08
N PRO A 19 -6.57 -17.03 10.35
CA PRO A 19 -6.48 -18.35 9.73
C PRO A 19 -6.51 -18.30 8.20
N ARG A 20 -7.01 -17.20 7.62
CA ARG A 20 -7.14 -17.11 6.16
C ARG A 20 -6.08 -16.24 5.50
N ILE A 21 -5.51 -15.25 6.22
CA ILE A 21 -4.70 -14.19 5.61
C ILE A 21 -3.27 -14.25 6.15
N GLU A 22 -2.34 -14.31 5.20
CA GLU A 22 -0.91 -14.30 5.52
C GLU A 22 -0.30 -12.94 5.22
N LEU A 23 0.47 -12.42 6.18
N LEU A 23 0.49 -12.44 6.17
CA LEU A 23 1.25 -11.21 5.97
CA LEU A 23 1.25 -11.21 5.99
C LEU A 23 2.70 -11.60 5.67
C LEU A 23 2.70 -11.57 5.70
N SER A 24 3.31 -10.95 4.68
CA SER A 24 4.70 -11.21 4.37
C SER A 24 5.41 -9.90 4.02
N VAL A 25 6.74 -9.93 4.14
CA VAL A 25 7.59 -8.81 3.81
C VAL A 25 8.57 -9.27 2.74
N TRP A 26 8.71 -8.45 1.70
CA TRP A 26 9.51 -8.75 0.54
C TRP A 26 10.46 -7.59 0.21
N LYS A 27 11.65 -7.95 -0.27
CA LYS A 27 12.50 -7.11 -1.07
C LYS A 27 12.18 -7.40 -2.54
N ASP A 28 11.58 -6.42 -3.22
CA ASP A 28 11.20 -6.61 -4.61
C ASP A 28 10.90 -5.25 -5.22
N ASP A 29 10.85 -5.27 -6.55
CA ASP A 29 10.40 -4.14 -7.34
C ASP A 29 8.91 -4.29 -7.59
N LEU A 30 8.10 -3.33 -7.13
CA LEU A 30 6.66 -3.38 -7.27
C LEU A 30 6.24 -3.35 -8.72
N THR A 31 7.09 -2.90 -9.66
CA THR A 31 6.72 -2.89 -11.07
C THR A 31 6.72 -4.31 -11.67
N THR A 32 7.34 -5.28 -11.01
CA THR A 32 7.43 -6.63 -11.53
C THR A 32 6.88 -7.64 -10.53
N HIS A 33 6.29 -7.19 -9.43
CA HIS A 33 5.75 -8.05 -8.40
C HIS A 33 4.32 -8.45 -8.74
N ALA A 34 4.10 -9.75 -8.98
CA ALA A 34 2.82 -10.24 -9.46
C ALA A 34 1.84 -10.49 -8.31
N VAL A 35 0.80 -9.65 -8.26
CA VAL A 35 -0.28 -9.75 -7.28
C VAL A 35 -1.57 -9.27 -7.97
N ASP A 36 -2.73 -9.44 -7.34
CA ASP A 36 -3.94 -8.92 -7.98
C ASP A 36 -4.03 -7.40 -7.97
N ALA A 37 -3.56 -6.77 -6.88
CA ALA A 37 -3.58 -5.33 -6.76
C ALA A 37 -2.29 -4.83 -6.12
N VAL A 38 -1.69 -3.81 -6.74
N VAL A 38 -1.70 -3.81 -6.76
CA VAL A 38 -0.54 -3.13 -6.17
CA VAL A 38 -0.55 -3.11 -6.22
C VAL A 38 -1.00 -1.74 -5.70
C VAL A 38 -1.02 -1.75 -5.70
N VAL A 39 -0.56 -1.39 -4.50
CA VAL A 39 -0.81 -0.05 -3.96
C VAL A 39 0.28 0.91 -4.42
N ASN A 40 -0.13 2.05 -5.01
CA ASN A 40 0.77 3.15 -5.30
C ASN A 40 0.77 4.16 -4.15
N ALA A 41 1.94 4.80 -3.94
CA ALA A 41 2.13 5.89 -2.99
C ALA A 41 1.95 7.20 -3.76
N ALA A 42 0.73 7.72 -3.71
CA ALA A 42 0.37 8.84 -4.58
C ALA A 42 0.30 10.15 -3.80
N ASN A 43 0.17 11.21 -4.58
CA ASN A 43 -0.26 12.52 -4.06
C ASN A 43 -1.72 12.78 -4.41
N GLU A 44 -2.24 13.85 -3.85
CA GLU A 44 -3.65 14.16 -3.92
C GLU A 44 -4.10 14.46 -5.35
N ASP A 45 -3.18 14.89 -6.23
CA ASP A 45 -3.46 15.18 -7.63
C ASP A 45 -3.33 13.96 -8.54
N LEU A 46 -2.84 12.87 -7.96
CA LEU A 46 -2.44 11.67 -8.70
C LEU A 46 -1.53 12.03 -9.88
N LEU A 47 -0.57 12.94 -9.59
CA LEU A 47 0.47 13.38 -10.51
C LEU A 47 1.70 12.51 -10.21
N HIS A 48 1.95 11.53 -11.08
CA HIS A 48 2.89 10.47 -10.73
C HIS A 48 4.29 10.89 -11.19
N GLY A 49 4.90 11.83 -10.47
CA GLY A 49 6.09 12.50 -10.97
C GLY A 49 7.41 11.99 -10.40
N GLY A 50 7.38 11.16 -9.35
CA GLY A 50 8.57 10.64 -8.72
C GLY A 50 8.30 9.31 -8.02
N GLY A 51 9.35 8.73 -7.46
CA GLY A 51 9.19 7.63 -6.54
C GLY A 51 8.55 6.40 -7.20
N LEU A 52 7.81 5.66 -6.36
CA LEU A 52 7.08 4.49 -6.83
C LEU A 52 6.07 4.84 -7.93
N ALA A 53 5.41 5.98 -7.77
CA ALA A 53 4.36 6.39 -8.69
C ALA A 53 4.90 6.49 -10.12
N LEU A 54 6.01 7.20 -10.28
CA LEU A 54 6.63 7.33 -11.59
C LEU A 54 7.06 5.96 -12.11
N ALA A 55 7.64 5.13 -11.24
CA ALA A 55 8.12 3.84 -11.68
C ALA A 55 6.96 2.99 -12.21
N LEU A 56 5.79 3.06 -11.54
CA LEU A 56 4.65 2.29 -11.98
C LEU A 56 4.19 2.76 -13.35
N VAL A 57 4.12 4.09 -13.57
CA VAL A 57 3.70 4.59 -14.86
C VAL A 57 4.71 4.21 -15.95
N LYS A 58 6.01 4.37 -15.64
CA LYS A 58 7.03 4.05 -16.63
C LYS A 58 6.99 2.58 -17.04
N ALA A 59 6.72 1.68 -16.09
CA ALA A 59 6.69 0.26 -16.41
C ALA A 59 5.34 -0.18 -16.96
N GLY A 60 4.25 0.45 -16.51
CA GLY A 60 2.91 -0.05 -16.83
C GLY A 60 2.34 0.63 -18.08
N GLY A 61 2.75 1.88 -18.32
CA GLY A 61 2.29 2.64 -19.47
C GLY A 61 1.58 3.93 -19.06
N PHE A 62 1.66 4.92 -19.95
CA PHE A 62 1.13 6.25 -19.65
C PHE A 62 -0.38 6.26 -19.44
N GLU A 63 -1.08 5.26 -19.96
N GLU A 63 -1.08 5.25 -19.94
CA GLU A 63 -2.50 5.16 -19.72
CA GLU A 63 -2.52 5.18 -19.72
C GLU A 63 -2.82 5.25 -18.23
C GLU A 63 -2.84 5.20 -18.22
N ILE A 64 -1.93 4.73 -17.36
CA ILE A 64 -2.17 4.80 -15.92
C ILE A 64 -2.26 6.27 -15.51
N GLN A 65 -1.36 7.10 -16.06
CA GLN A 65 -1.36 8.53 -15.75
C GLN A 65 -2.63 9.20 -16.28
N GLU A 66 -3.06 8.79 -17.49
CA GLU A 66 -4.28 9.35 -18.07
C GLU A 66 -5.51 8.98 -17.24
N GLU A 67 -5.62 7.72 -16.83
N GLU A 67 -5.65 7.72 -16.85
CA GLU A 67 -6.77 7.32 -16.03
CA GLU A 67 -6.76 7.27 -16.01
C GLU A 67 -6.78 8.08 -14.71
C GLU A 67 -6.77 8.07 -14.71
N SER A 68 -5.59 8.29 -14.13
CA SER A 68 -5.44 9.02 -12.88
C SER A 68 -5.94 10.47 -13.01
N LYS A 69 -5.49 11.14 -14.09
CA LYS A 69 -5.90 12.51 -14.36
C LYS A 69 -7.41 12.59 -14.50
N GLN A 70 -8.00 11.64 -15.24
CA GLN A 70 -9.44 11.64 -15.48
C GLN A 70 -10.21 11.42 -14.18
N PHE A 71 -9.68 10.57 -13.30
CA PHE A 71 -10.29 10.34 -12.00
C PHE A 71 -10.40 11.66 -11.25
N VAL A 72 -9.29 12.39 -11.14
CA VAL A 72 -9.28 13.64 -10.40
C VAL A 72 -10.11 14.71 -11.13
N ALA A 73 -10.12 14.71 -12.46
CA ALA A 73 -10.91 15.70 -13.16
C ALA A 73 -12.41 15.48 -12.91
N ARG A 74 -12.82 14.23 -12.64
CA ARG A 74 -14.22 13.88 -12.49
C ARG A 74 -14.67 13.94 -11.02
N TYR A 75 -13.78 13.50 -10.10
CA TYR A 75 -14.15 13.25 -8.72
C TYR A 75 -13.43 14.12 -7.72
N GLY A 76 -12.48 14.93 -8.19
CA GLY A 76 -11.74 15.78 -7.28
C GLY A 76 -10.48 15.10 -6.76
N LYS A 77 -9.66 15.88 -6.03
N LYS A 77 -9.70 15.88 -5.99
CA LYS A 77 -8.43 15.42 -5.45
CA LYS A 77 -8.45 15.41 -5.40
C LYS A 77 -8.70 14.28 -4.47
C LYS A 77 -8.73 14.25 -4.46
N VAL A 78 -7.70 13.42 -4.30
CA VAL A 78 -7.74 12.31 -3.37
C VAL A 78 -7.06 12.77 -2.09
N SER A 79 -7.85 12.96 -1.04
CA SER A 79 -7.26 13.48 0.19
C SER A 79 -6.39 12.44 0.85
N ALA A 80 -5.46 12.90 1.67
CA ALA A 80 -4.63 11.96 2.42
C ALA A 80 -5.56 11.07 3.24
N GLY A 81 -5.24 9.76 3.21
CA GLY A 81 -6.06 8.75 3.86
C GLY A 81 -7.06 8.06 2.93
N GLU A 82 -7.20 8.55 1.69
CA GLU A 82 -8.18 8.04 0.74
C GLU A 82 -7.46 7.37 -0.43
N ILE A 83 -8.24 6.71 -1.30
CA ILE A 83 -7.76 5.97 -2.45
C ILE A 83 -8.50 6.32 -3.74
N ALA A 84 -7.85 5.99 -4.84
CA ALA A 84 -8.43 5.95 -6.16
C ALA A 84 -7.93 4.72 -6.87
N VAL A 85 -8.81 3.97 -7.55
CA VAL A 85 -8.39 2.75 -8.18
C VAL A 85 -8.42 2.93 -9.69
N THR A 86 -7.32 2.50 -10.33
CA THR A 86 -7.23 2.50 -11.79
C THR A 86 -6.82 1.12 -12.29
N GLY A 87 -6.83 1.00 -13.61
CA GLY A 87 -6.17 -0.10 -14.26
C GLY A 87 -4.66 -0.04 -14.05
N ALA A 88 -4.01 -1.12 -14.47
CA ALA A 88 -2.60 -1.34 -14.23
C ALA A 88 -1.77 -1.45 -15.50
N GLY A 89 -2.31 -1.08 -16.66
CA GLY A 89 -1.52 -1.12 -17.87
C GLY A 89 -0.94 -2.51 -18.08
N ARG A 90 0.37 -2.52 -18.38
CA ARG A 90 1.11 -3.72 -18.70
C ARG A 90 1.68 -4.41 -17.45
N LEU A 91 1.43 -3.85 -16.26
CA LEU A 91 1.99 -4.43 -15.05
C LEU A 91 1.41 -5.82 -14.81
N PRO A 92 2.10 -6.70 -14.04
CA PRO A 92 1.54 -8.01 -13.67
C PRO A 92 0.60 -7.97 -12.47
N CYS A 93 -0.37 -7.06 -12.55
CA CYS A 93 -1.45 -6.97 -11.59
C CYS A 93 -2.68 -6.50 -12.35
N LYS A 94 -3.84 -6.61 -11.68
CA LYS A 94 -5.10 -6.29 -12.33
C LYS A 94 -5.53 -4.83 -12.10
N GLN A 95 -5.14 -4.26 -10.95
CA GLN A 95 -5.50 -2.88 -10.61
C GLN A 95 -4.38 -2.24 -9.80
N ILE A 96 -4.32 -0.90 -9.87
CA ILE A 96 -3.52 -0.09 -8.97
C ILE A 96 -4.45 0.62 -8.02
N ILE A 97 -4.16 0.48 -6.72
CA ILE A 97 -4.88 1.18 -5.69
C ILE A 97 -3.98 2.36 -5.32
N HIS A 98 -4.32 3.57 -5.78
CA HIS A 98 -3.51 4.75 -5.50
C HIS A 98 -3.93 5.25 -4.13
N ALA A 99 -3.05 5.15 -3.15
CA ALA A 99 -3.30 5.58 -1.78
C ALA A 99 -2.47 6.83 -1.51
N VAL A 100 -3.11 7.83 -0.92
CA VAL A 100 -2.45 9.09 -0.62
C VAL A 100 -2.11 9.10 0.87
N GLY A 101 -0.83 8.90 1.15
CA GLY A 101 -0.30 9.08 2.48
C GLY A 101 -0.16 10.57 2.83
N PRO A 102 0.01 10.87 4.12
CA PRO A 102 0.28 12.26 4.53
C PRO A 102 1.70 12.66 4.15
N ARG A 103 1.91 13.96 3.92
CA ARG A 103 3.25 14.54 3.94
C ARG A 103 3.62 14.74 5.40
N TRP A 104 4.79 14.29 5.85
CA TRP A 104 5.14 14.39 7.26
C TRP A 104 5.29 15.83 7.72
N MET A 105 4.65 16.15 8.86
CA MET A 105 4.79 17.45 9.50
C MET A 105 5.09 17.24 10.98
N GLU A 106 6.27 17.74 11.42
CA GLU A 106 6.74 17.54 12.78
C GLU A 106 5.74 18.10 13.79
N TRP A 107 5.05 19.18 13.39
CA TRP A 107 4.14 19.88 14.27
C TRP A 107 2.77 19.20 14.34
N ASP A 108 2.54 18.15 13.55
CA ASP A 108 1.26 17.46 13.55
C ASP A 108 1.49 15.96 13.40
N LYS A 109 2.30 15.38 14.30
CA LYS A 109 2.62 13.97 14.25
C LYS A 109 1.36 13.12 14.38
N GLN A 110 0.46 13.53 15.30
CA GLN A 110 -0.76 12.77 15.57
C GLN A 110 -1.68 12.77 14.34
N GLY A 111 -1.84 13.93 13.69
CA GLY A 111 -2.68 14.02 12.50
C GLY A 111 -2.10 13.21 11.35
N CYS A 112 -0.78 13.25 11.18
CA CYS A 112 -0.12 12.52 10.12
C CYS A 112 -0.30 11.01 10.35
N THR A 113 -0.13 10.61 11.62
CA THR A 113 -0.23 9.20 11.95
C THR A 113 -1.65 8.73 11.59
N GLY A 114 -2.66 9.52 11.99
CA GLY A 114 -4.05 9.18 11.68
C GLY A 114 -4.33 9.06 10.18
N LYS A 115 -3.76 9.96 9.37
CA LYS A 115 -3.93 9.91 7.93
C LYS A 115 -3.30 8.64 7.33
N LEU A 116 -2.14 8.22 7.87
CA LEU A 116 -1.52 6.98 7.41
C LEU A 116 -2.39 5.78 7.78
N GLN A 117 -2.88 5.74 9.01
CA GLN A 117 -3.79 4.70 9.44
C GLN A 117 -4.98 4.63 8.48
N ARG A 118 -5.57 5.80 8.21
CA ARG A 118 -6.78 5.83 7.39
C ARG A 118 -6.49 5.33 5.98
N ALA A 119 -5.31 5.63 5.43
CA ALA A 119 -4.95 5.18 4.09
C ALA A 119 -4.94 3.65 4.06
N ILE A 120 -4.34 3.02 5.08
CA ILE A 120 -4.33 1.58 5.16
C ILE A 120 -5.76 1.04 5.27
N VAL A 121 -6.58 1.63 6.14
CA VAL A 121 -7.94 1.16 6.27
C VAL A 121 -8.67 1.28 4.93
N SER A 122 -8.44 2.37 4.20
CA SER A 122 -9.11 2.55 2.91
C SER A 122 -8.70 1.46 1.92
N ILE A 123 -7.40 1.10 1.89
CA ILE A 123 -6.93 0.02 1.05
C ILE A 123 -7.64 -1.28 1.45
N LEU A 124 -7.64 -1.59 2.76
CA LEU A 124 -8.22 -2.83 3.21
C LEU A 124 -9.72 -2.89 2.92
N ASN A 125 -10.43 -1.77 3.07
CA ASN A 125 -11.86 -1.76 2.82
C ASN A 125 -12.13 -2.07 1.34
N TYR A 126 -11.29 -1.54 0.44
CA TYR A 126 -11.49 -1.79 -0.98
C TYR A 126 -11.30 -3.30 -1.23
N VAL A 127 -10.23 -3.86 -0.68
CA VAL A 127 -9.90 -5.24 -0.97
C VAL A 127 -10.89 -6.21 -0.33
N ILE A 128 -11.38 -5.89 0.86
CA ILE A 128 -12.24 -6.81 1.60
C ILE A 128 -13.71 -6.68 1.21
N TYR A 129 -14.19 -5.45 0.98
CA TYR A 129 -15.60 -5.18 0.81
C TYR A 129 -15.99 -4.76 -0.60
N LYS A 130 -15.13 -4.04 -1.33
CA LYS A 130 -15.54 -3.48 -2.62
C LYS A 130 -15.20 -4.40 -3.78
N ASN A 131 -14.01 -5.00 -3.77
CA ASN A 131 -13.62 -6.01 -4.73
C ASN A 131 -13.23 -7.27 -3.95
N THR A 132 -14.20 -8.14 -3.70
CA THR A 132 -14.02 -9.32 -2.88
C THR A 132 -13.26 -10.43 -3.62
N HIS A 133 -12.89 -10.20 -4.88
CA HIS A 133 -12.17 -11.19 -5.68
C HIS A 133 -10.65 -11.00 -5.64
N ILE A 134 -10.13 -10.00 -4.92
CA ILE A 134 -8.69 -9.80 -4.78
C ILE A 134 -8.16 -10.85 -3.81
N LYS A 135 -7.19 -11.66 -4.28
CA LYS A 135 -6.58 -12.70 -3.47
C LYS A 135 -5.28 -12.19 -2.85
N THR A 136 -4.57 -11.31 -3.57
CA THR A 136 -3.28 -10.84 -3.13
C THR A 136 -3.18 -9.34 -3.37
N VAL A 137 -2.54 -8.63 -2.40
CA VAL A 137 -2.33 -7.19 -2.50
C VAL A 137 -0.90 -6.91 -1.99
N ALA A 138 -0.22 -5.97 -2.64
CA ALA A 138 1.11 -5.52 -2.20
C ALA A 138 1.02 -4.03 -1.85
N ILE A 139 1.64 -3.71 -0.71
CA ILE A 139 1.53 -2.40 -0.09
C ILE A 139 2.94 -1.91 0.19
N PRO A 140 3.32 -0.68 -0.23
CA PRO A 140 4.59 -0.05 0.11
C PRO A 140 4.52 0.63 1.46
N ALA A 141 5.69 1.10 1.92
CA ALA A 141 5.79 1.95 3.11
C ALA A 141 5.39 3.38 2.74
N LEU A 142 4.07 3.57 2.61
N LEU A 142 4.08 3.56 2.65
CA LEU A 142 3.45 4.84 2.25
CA LEU A 142 3.45 4.82 2.25
C LEU A 142 3.99 5.97 3.10
C LEU A 142 3.95 5.98 3.10
N SER A 143 4.38 7.05 2.40
CA SER A 143 4.81 8.31 2.99
C SER A 143 6.26 8.33 3.46
N SER A 144 6.97 7.20 3.47
CA SER A 144 8.29 7.09 4.08
C SER A 144 9.42 7.46 3.12
N GLY A 145 9.11 7.78 1.85
CA GLY A 145 10.13 8.16 0.89
C GLY A 145 10.14 9.68 0.75
N ILE A 146 9.62 10.12 -0.40
CA ILE A 146 9.50 11.53 -0.71
C ILE A 146 8.69 12.28 0.35
N PHE A 147 7.69 11.66 0.97
CA PHE A 147 6.88 12.35 1.96
C PHE A 147 7.50 12.42 3.36
N GLN A 148 8.67 11.79 3.56
CA GLN A 148 9.55 11.98 4.73
C GLN A 148 8.99 11.46 6.06
N PHE A 149 7.99 10.59 6.03
CA PHE A 149 7.45 10.05 7.27
C PHE A 149 8.53 9.17 7.91
N PRO A 150 8.89 9.37 9.20
CA PRO A 150 9.94 8.56 9.81
C PRO A 150 9.71 7.05 9.64
N LEU A 151 10.76 6.32 9.26
CA LEU A 151 10.58 4.99 8.71
C LEU A 151 10.06 4.02 9.75
N ASN A 152 10.63 4.03 10.95
CA ASN A 152 10.20 3.08 11.97
C ASN A 152 8.73 3.31 12.36
N LEU A 153 8.35 4.58 12.57
CA LEU A 153 6.97 4.92 12.92
C LEU A 153 6.03 4.55 11.79
N CYS A 154 6.45 4.81 10.56
CA CYS A 154 5.65 4.46 9.40
C CYS A 154 5.33 2.97 9.34
N THR A 155 6.36 2.13 9.38
CA THR A 155 6.21 0.69 9.23
C THR A 155 5.44 0.11 10.41
N LYS A 156 5.69 0.58 11.62
CA LYS A 156 4.91 0.13 12.77
C LYS A 156 3.44 0.49 12.66
N THR A 157 3.15 1.71 12.21
CA THR A 157 1.78 2.15 12.08
C THR A 157 1.08 1.28 11.03
N ILE A 158 1.73 1.02 9.90
CA ILE A 158 1.11 0.23 8.86
C ILE A 158 0.78 -1.16 9.38
N VAL A 159 1.76 -1.86 9.96
CA VAL A 159 1.55 -3.22 10.38
C VAL A 159 0.47 -3.30 11.47
N GLU A 160 0.50 -2.41 12.46
CA GLU A 160 -0.50 -2.44 13.53
C GLU A 160 -1.89 -2.18 12.94
N THR A 161 -2.01 -1.24 11.98
CA THR A 161 -3.34 -0.94 11.44
C THR A 161 -3.87 -2.18 10.70
N ILE A 162 -3.01 -2.86 9.95
CA ILE A 162 -3.41 -4.09 9.27
C ILE A 162 -3.87 -5.10 10.31
N ARG A 163 -3.08 -5.28 11.38
CA ARG A 163 -3.42 -6.27 12.40
C ARG A 163 -4.79 -5.97 13.03
N VAL A 164 -4.99 -4.76 13.52
CA VAL A 164 -6.16 -4.43 14.30
C VAL A 164 -7.40 -4.43 13.38
N SER A 165 -7.23 -4.10 12.10
CA SER A 165 -8.31 -4.12 11.13
C SER A 165 -8.80 -5.54 10.82
N LEU A 166 -7.95 -6.57 10.95
CA LEU A 166 -8.29 -7.90 10.44
C LEU A 166 -8.42 -8.95 11.54
N GLN A 167 -7.64 -8.88 12.64
CA GLN A 167 -7.71 -9.95 13.63
C GLN A 167 -9.10 -9.97 14.27
N GLY A 168 -9.74 -11.13 14.22
CA GLY A 168 -11.00 -11.34 14.89
C GLY A 168 -12.16 -10.65 14.18
N LYS A 169 -11.99 -10.35 12.91
CA LYS A 169 -13.00 -9.65 12.14
C LYS A 169 -13.53 -10.61 11.07
N PRO A 170 -14.73 -11.15 11.23
CA PRO A 170 -15.37 -11.87 10.12
C PRO A 170 -15.53 -11.00 8.87
N MET A 171 -15.32 -11.60 7.69
CA MET A 171 -15.44 -10.95 6.40
C MET A 171 -15.79 -12.01 5.37
N MET A 172 -15.85 -11.62 4.10
CA MET A 172 -16.39 -12.49 3.09
C MET A 172 -15.54 -12.43 1.82
N SER A 173 -14.30 -11.98 1.97
CA SER A 173 -13.45 -11.76 0.85
C SER A 173 -12.57 -12.98 0.59
N ASN A 174 -12.02 -13.01 -0.64
CA ASN A 174 -11.07 -14.03 -1.03
C ASN A 174 -9.62 -13.64 -0.72
N LEU A 175 -9.37 -12.60 0.09
CA LEU A 175 -8.01 -12.18 0.37
C LEU A 175 -7.25 -13.30 1.10
N LYS A 176 -6.07 -13.62 0.58
CA LYS A 176 -5.20 -14.65 1.15
C LYS A 176 -3.83 -14.12 1.57
N GLU A 177 -3.32 -13.06 0.90
CA GLU A 177 -1.96 -12.61 1.16
C GLU A 177 -1.89 -11.09 1.06
N ILE A 178 -1.23 -10.50 2.06
CA ILE A 178 -0.81 -9.10 2.05
C ILE A 178 0.71 -9.08 2.05
N HIS A 179 1.27 -8.45 1.03
CA HIS A 179 2.72 -8.34 0.88
C HIS A 179 3.14 -6.89 1.16
N LEU A 180 4.06 -6.72 2.13
CA LEU A 180 4.68 -5.42 2.41
C LEU A 180 6.01 -5.42 1.65
N VAL A 181 6.19 -4.44 0.75
CA VAL A 181 7.24 -4.54 -0.27
C VAL A 181 8.02 -3.24 -0.37
N SER A 182 9.36 -3.37 -0.45
CA SER A 182 10.20 -2.26 -0.86
C SER A 182 11.35 -2.81 -1.70
N ASN A 183 11.94 -1.93 -2.53
CA ASN A 183 13.16 -2.24 -3.24
C ASN A 183 14.41 -1.67 -2.54
N GLU A 184 14.27 -1.18 -1.30
CA GLU A 184 15.39 -0.64 -0.55
C GLU A 184 15.56 -1.44 0.73
N ASP A 185 16.80 -1.89 0.97
CA ASP A 185 17.10 -2.73 2.12
C ASP A 185 16.65 -2.12 3.45
N PRO A 186 16.89 -0.83 3.79
CA PRO A 186 16.48 -0.34 5.10
C PRO A 186 14.96 -0.40 5.32
N THR A 187 14.18 -0.16 4.25
CA THR A 187 12.73 -0.21 4.39
C THR A 187 12.24 -1.65 4.58
N VAL A 188 12.81 -2.59 3.82
CA VAL A 188 12.54 -4.01 4.04
C VAL A 188 12.81 -4.38 5.51
N ALA A 189 13.97 -3.95 5.98
CA ALA A 189 14.38 -4.22 7.36
C ALA A 189 13.40 -3.63 8.38
N ALA A 190 12.90 -2.42 8.10
CA ALA A 190 11.95 -1.78 9.02
C ALA A 190 10.60 -2.50 9.02
N PHE A 191 10.12 -2.90 7.82
CA PHE A 191 8.91 -3.71 7.75
C PHE A 191 9.08 -5.04 8.50
N LYS A 192 10.24 -5.70 8.32
CA LYS A 192 10.50 -6.97 8.99
C LYS A 192 10.48 -6.78 10.51
N ALA A 193 11.20 -5.75 11.00
CA ALA A 193 11.26 -5.48 12.43
C ALA A 193 9.87 -5.10 12.99
N ALA A 194 9.09 -4.28 12.25
CA ALA A 194 7.75 -3.96 12.72
C ALA A 194 6.87 -5.21 12.80
N SER A 195 6.98 -6.06 11.78
CA SER A 195 6.18 -7.29 11.73
C SER A 195 6.53 -8.22 12.88
N GLU A 196 7.83 -8.35 13.18
CA GLU A 196 8.26 -9.19 14.27
C GLU A 196 7.79 -8.64 15.63
N PHE A 197 7.87 -7.29 15.78
CA PHE A 197 7.46 -6.65 17.03
C PHE A 197 5.98 -6.86 17.33
N ILE A 198 5.15 -6.74 16.27
CA ILE A 198 3.71 -6.75 16.43
C ILE A 198 3.15 -8.17 16.35
N LEU A 199 3.75 -9.03 15.52
CA LEU A 199 3.16 -10.35 15.22
C LEU A 199 3.99 -11.53 15.74
N GLY A 200 5.23 -11.27 16.18
CA GLY A 200 6.12 -12.34 16.58
C GLY A 200 7.01 -12.81 15.43
N LYS A 201 7.78 -13.88 15.69
CA LYS A 201 8.81 -14.30 14.74
C LYS A 201 8.21 -14.94 13.50
N SER A 202 8.93 -14.86 12.38
CA SER A 202 8.47 -15.41 11.12
C SER A 202 8.17 -16.91 11.27
N GLU A 203 7.12 -17.35 10.60
CA GLU A 203 6.62 -18.72 10.70
C GLU A 203 5.99 -19.05 9.36
#